data_3N0U
#
_entry.id   3N0U
#
_cell.length_a   54.871
_cell.length_b   93.635
_cell.length_c   135.895
_cell.angle_alpha   90.000
_cell.angle_beta   90.000
_cell.angle_gamma   90.000
#
_symmetry.space_group_name_H-M   'P 21 21 21'
#
loop_
_entity.id
_entity.type
_entity.pdbx_description
1 polymer 'Probable N-glycosylase/DNA lyase'
2 non-polymer 'SODIUM ION'
3 water water
#
_entity_poly.entity_id   1
_entity_poly.type   'polypeptide(L)'
_entity_poly.pdbx_seq_one_letter_code
;MGSDKIHHHHHHMEELLKELERIREEAKPLVEQRFEEFKRLGEEGTEEDLFCELSFCVLTANWSAEGGIRAQKEIGKGFV
HLPLEELAEKLREVGHRYPQKRAEFIVENRKLLGKLKNLVKGDPFQSREFLVRNAKGIGWKEASHFLRNTGVEDLAILDK
HVLRLMKRHGLIQEIPKGWSKKRYLYVEEILRKVAEAFGESPGKFDLYLWYLVKGKVDK
;
_entity_poly.pdbx_strand_id   A,B,C
#
# COMPACT_ATOMS: atom_id res chain seq x y z
N HIS A 11 31.52 15.75 2.99
CA HIS A 11 30.12 16.23 2.89
C HIS A 11 29.63 16.68 4.27
N HIS A 12 28.76 17.67 4.31
CA HIS A 12 28.32 18.25 5.57
C HIS A 12 26.89 17.85 5.90
N MET A 13 26.54 17.98 7.18
CA MET A 13 25.20 17.67 7.63
C MET A 13 24.14 18.45 6.88
N GLU A 14 24.38 19.73 6.62
CA GLU A 14 23.34 20.56 5.99
C GLU A 14 23.01 20.02 4.61
N GLU A 15 24.01 19.51 3.91
CA GLU A 15 23.79 18.94 2.59
C GLU A 15 22.83 17.74 2.69
N LEU A 16 23.01 16.91 3.69
CA LEU A 16 22.11 15.79 3.92
C LEU A 16 20.70 16.27 4.22
N LEU A 17 20.57 17.24 5.12
CA LEU A 17 19.25 17.75 5.45
C LEU A 17 18.58 18.37 4.24
N LYS A 18 19.33 19.07 3.40
CA LYS A 18 18.72 19.69 2.23
C LYS A 18 18.22 18.65 1.26
N GLU A 19 18.98 17.57 1.06
CA GLU A 19 18.56 16.54 0.14
C GLU A 19 17.32 15.83 0.68
N LEU A 20 17.28 15.60 1.99
CA LEU A 20 16.12 14.99 2.59
C LEU A 20 14.90 15.89 2.44
N GLU A 21 15.08 17.20 2.59
CA GLU A 21 13.97 18.10 2.41
C GLU A 21 13.44 18.07 0.98
N ARG A 22 14.32 17.83 0.00
CA ARG A 22 13.86 17.80 -1.38
C ARG A 22 13.01 16.57 -1.70
N ILE A 23 13.21 15.48 -0.96
CA ILE A 23 12.40 14.28 -1.20
C ILE A 23 11.25 14.15 -0.23
N ARG A 24 11.18 15.06 0.75
CA ARG A 24 10.24 14.88 1.84
C ARG A 24 8.79 14.81 1.39
N GLU A 25 8.39 15.72 0.52
CA GLU A 25 6.99 15.80 0.15
C GLU A 25 6.56 14.54 -0.58
N GLU A 26 7.40 14.07 -1.47
CA GLU A 26 7.04 12.89 -2.25
C GLU A 26 7.09 11.61 -1.46
N ALA A 27 8.00 11.56 -0.48
CA ALA A 27 8.18 10.35 0.31
C ALA A 27 7.14 10.26 1.41
N LYS A 28 6.64 11.40 1.86
CA LYS A 28 5.81 11.42 3.06
C LYS A 28 4.60 10.48 3.02
N PRO A 29 3.86 10.45 1.90
CA PRO A 29 2.71 9.53 1.90
C PRO A 29 3.12 8.08 2.06
N LEU A 30 4.24 7.70 1.46
CA LEU A 30 4.72 6.33 1.62
C LEU A 30 5.17 6.05 3.04
N VAL A 31 5.89 6.99 3.64
CA VAL A 31 6.33 6.85 5.02
C VAL A 31 5.14 6.74 5.95
N GLU A 32 4.14 7.60 5.77
CA GLU A 32 2.99 7.60 6.67
C GLU A 32 2.18 6.33 6.51
N GLN A 33 2.01 5.86 5.28
CA GLN A 33 1.24 4.65 5.06
C GLN A 33 1.97 3.45 5.66
N ARG A 34 3.29 3.44 5.54
CA ARG A 34 4.05 2.31 6.07
C ARG A 34 3.97 2.31 7.60
N PHE A 35 4.08 3.50 8.19
CA PHE A 35 3.97 3.60 9.63
C PHE A 35 2.60 3.20 10.17
N GLU A 36 1.56 3.45 9.39
CA GLU A 36 0.21 3.04 9.81
C GLU A 36 0.16 1.51 9.91
N GLU A 37 0.90 0.84 9.04
CA GLU A 37 0.97 -0.61 9.06
C GLU A 37 1.76 -1.08 10.29
N PHE A 38 2.84 -0.37 10.62
CA PHE A 38 3.59 -0.70 11.81
C PHE A 38 2.73 -0.52 13.05
N LYS A 39 2.02 0.59 13.13
CA LYS A 39 1.18 0.88 14.31
C LYS A 39 0.08 -0.18 14.45
N ARG A 40 -0.44 -0.63 13.32
CA ARG A 40 -1.50 -1.64 13.30
C ARG A 40 -0.98 -2.94 13.90
N LEU A 41 0.26 -3.30 13.58
CA LEU A 41 0.85 -4.53 14.10
C LEU A 41 1.01 -4.43 15.62
N GLY A 42 1.56 -3.33 16.12
CA GLY A 42 1.70 -3.15 17.55
C GLY A 42 0.37 -3.09 18.30
N GLU A 43 -0.63 -2.45 17.70
CA GLU A 43 -1.91 -2.25 18.38
CA GLU A 43 -1.91 -2.24 18.37
C GLU A 43 -2.84 -3.44 18.32
N GLU A 44 -2.87 -4.12 17.17
CA GLU A 44 -3.86 -5.17 16.92
C GLU A 44 -3.23 -6.54 16.76
N GLY A 45 -1.90 -6.59 16.65
CA GLY A 45 -1.24 -7.83 16.36
C GLY A 45 -1.28 -8.87 17.48
N THR A 46 -1.42 -10.14 17.08
CA THR A 46 -1.36 -11.24 18.02
C THR A 46 0.08 -11.58 18.32
N GLU A 47 0.30 -12.45 19.29
CA GLU A 47 1.64 -12.93 19.56
C GLU A 47 2.26 -13.52 18.31
N GLU A 48 1.51 -14.32 17.57
CA GLU A 48 2.05 -14.90 16.36
C GLU A 48 2.35 -13.87 15.30
N ASP A 49 1.49 -12.86 15.15
CA ASP A 49 1.78 -11.79 14.19
C ASP A 49 3.12 -11.10 14.55
N LEU A 50 3.31 -10.84 15.83
CA LEU A 50 4.53 -10.17 16.27
C LEU A 50 5.72 -11.11 16.06
N PHE A 51 5.53 -12.40 16.28
CA PHE A 51 6.60 -13.36 16.08
C PHE A 51 7.05 -13.41 14.61
N CYS A 52 6.11 -13.28 13.70
CA CYS A 52 6.48 -13.30 12.29
CA CYS A 52 6.41 -13.25 12.28
C CYS A 52 7.29 -12.05 11.93
N GLU A 53 6.99 -10.93 12.56
CA GLU A 53 7.77 -9.72 12.35
C GLU A 53 9.16 -9.86 12.97
N LEU A 54 9.25 -10.46 14.15
CA LEU A 54 10.54 -10.73 14.74
C LEU A 54 11.36 -11.62 13.79
N SER A 55 10.72 -12.61 13.19
CA SER A 55 11.39 -13.50 12.22
C SER A 55 11.87 -12.77 10.97
N PHE A 56 11.07 -11.82 10.50
CA PHE A 56 11.47 -10.96 9.39
C PHE A 56 12.79 -10.28 9.76
N CYS A 57 12.89 -9.80 10.98
CA CYS A 57 14.09 -9.09 11.39
C CYS A 57 15.30 -10.02 11.52
N VAL A 58 15.07 -11.26 11.93
CA VAL A 58 16.14 -12.26 11.93
C VAL A 58 16.66 -12.46 10.50
N LEU A 59 15.76 -12.53 9.56
CA LEU A 59 16.13 -12.84 8.17
C LEU A 59 16.79 -11.69 7.44
N THR A 60 16.50 -10.46 7.84
CA THR A 60 17.06 -9.33 7.12
C THR A 60 18.30 -8.75 7.78
N ALA A 61 18.88 -9.46 8.73
CA ALA A 61 20.07 -8.96 9.45
C ALA A 61 21.19 -8.56 8.50
N ASN A 62 21.41 -9.37 7.47
CA ASN A 62 22.39 -9.11 6.44
C ASN A 62 21.81 -9.47 5.08
N TRP A 63 20.58 -9.04 4.86
CA TRP A 63 19.84 -9.32 3.64
C TRP A 63 18.87 -8.18 3.40
N SER A 64 18.35 -8.13 2.19
CA SER A 64 17.51 -7.03 1.76
C SER A 64 16.11 -7.13 2.35
N ALA A 65 15.45 -5.99 2.47
CA ALA A 65 14.06 -5.95 2.88
C ALA A 65 13.21 -6.74 1.90
N GLU A 66 13.57 -6.62 0.63
CA GLU A 66 12.86 -7.33 -0.43
C GLU A 66 12.85 -8.85 -0.18
N GLY A 67 14.02 -9.38 0.16
CA GLY A 67 14.12 -10.80 0.46
C GLY A 67 13.28 -11.16 1.65
N GLY A 68 13.36 -10.36 2.71
CA GLY A 68 12.61 -10.70 3.90
C GLY A 68 11.11 -10.66 3.68
N ILE A 69 10.67 -9.69 2.89
CA ILE A 69 9.25 -9.52 2.58
C ILE A 69 8.77 -10.76 1.81
N ARG A 70 9.58 -11.20 0.85
CA ARG A 70 9.25 -12.40 0.09
C ARG A 70 9.21 -13.65 0.99
N ALA A 71 10.16 -13.76 1.93
CA ALA A 71 10.18 -14.90 2.83
C ALA A 71 8.94 -14.89 3.70
N GLN A 72 8.59 -13.73 4.22
CA GLN A 72 7.43 -13.59 5.09
C GLN A 72 6.15 -13.99 4.34
N LYS A 73 6.03 -13.55 3.09
CA LYS A 73 4.87 -13.86 2.27
C LYS A 73 4.76 -15.37 2.04
N GLU A 74 5.88 -16.01 1.73
CA GLU A 74 5.88 -17.43 1.35
C GLU A 74 5.75 -18.37 2.55
N ILE A 75 6.31 -17.99 3.69
CA ILE A 75 6.34 -18.88 4.84
C ILE A 75 5.19 -18.59 5.81
N GLY A 76 4.92 -17.31 6.05
CA GLY A 76 3.80 -16.93 6.90
C GLY A 76 3.92 -17.54 8.28
N LYS A 77 2.84 -18.18 8.73
CA LYS A 77 2.82 -18.75 10.08
C LYS A 77 3.76 -19.97 10.23
N GLY A 78 4.37 -20.39 9.13
CA GLY A 78 5.38 -21.43 9.19
C GLY A 78 6.50 -21.07 10.16
N PHE A 79 6.76 -19.78 10.34
CA PHE A 79 7.77 -19.37 11.33
C PHE A 79 7.43 -19.89 12.72
N VAL A 80 6.13 -20.02 13.00
CA VAL A 80 5.65 -20.46 14.29
C VAL A 80 5.66 -21.98 14.43
N HIS A 81 5.25 -22.70 13.39
CA HIS A 81 4.98 -24.11 13.58
C HIS A 81 5.89 -25.10 12.85
N LEU A 82 6.62 -24.67 11.83
CA LEU A 82 7.39 -25.65 11.07
C LEU A 82 8.57 -26.22 11.85
N PRO A 83 8.84 -27.52 11.66
CA PRO A 83 10.08 -28.04 12.25
C PRO A 83 11.29 -27.43 11.60
N LEU A 84 12.42 -27.49 12.30
CA LEU A 84 13.66 -26.87 11.84
C LEU A 84 13.98 -27.19 10.38
N GLU A 85 13.96 -28.48 10.03
CA GLU A 85 14.43 -28.89 8.70
C GLU A 85 13.54 -28.32 7.60
N GLU A 86 12.23 -28.34 7.83
CA GLU A 86 11.31 -27.81 6.84
C GLU A 86 11.40 -26.28 6.73
N LEU A 87 11.59 -25.61 7.85
CA LEU A 87 11.78 -24.17 7.81
C LEU A 87 13.06 -23.81 7.06
N ALA A 88 14.14 -24.53 7.34
CA ALA A 88 15.39 -24.26 6.62
C ALA A 88 15.20 -24.46 5.13
N GLU A 89 14.44 -25.50 4.75
CA GLU A 89 14.24 -25.75 3.34
C GLU A 89 13.46 -24.61 2.68
N LYS A 90 12.44 -24.08 3.36
CA LYS A 90 11.68 -22.97 2.78
C LYS A 90 12.54 -21.71 2.70
N LEU A 91 13.43 -21.51 3.66
CA LEU A 91 14.32 -20.35 3.59
C LEU A 91 15.32 -20.51 2.46
N ARG A 92 15.75 -21.74 2.21
CA ARG A 92 16.67 -22.00 1.10
C ARG A 92 15.95 -21.69 -0.23
N GLU A 93 14.69 -22.15 -0.33
CA GLU A 93 13.87 -21.93 -1.52
C GLU A 93 13.63 -20.46 -1.87
N VAL A 94 13.51 -19.59 -0.86
CA VAL A 94 13.27 -18.17 -1.11
CA VAL A 94 13.26 -18.17 -1.08
C VAL A 94 14.56 -17.39 -1.23
N GLY A 95 15.68 -18.09 -1.17
CA GLY A 95 16.96 -17.49 -1.52
C GLY A 95 17.83 -16.99 -0.38
N HIS A 96 17.48 -17.30 0.87
CA HIS A 96 18.34 -16.88 1.96
C HIS A 96 19.68 -17.56 1.88
N ARG A 97 20.74 -16.81 2.12
CA ARG A 97 22.11 -17.34 2.05
C ARG A 97 22.53 -18.19 3.23
N TYR A 98 21.79 -18.10 4.34
CA TYR A 98 22.16 -18.78 5.58
C TYR A 98 20.93 -19.46 6.18
N PRO A 99 20.29 -20.33 5.40
CA PRO A 99 18.98 -20.84 5.79
C PRO A 99 19.02 -21.70 7.04
N GLN A 100 20.04 -22.53 7.21
CA GLN A 100 20.07 -23.41 8.38
C GLN A 100 20.18 -22.60 9.66
N LYS A 101 21.12 -21.66 9.70
CA LYS A 101 21.33 -20.92 10.93
C LYS A 101 20.14 -20.00 11.23
N ARG A 102 19.58 -19.34 10.24
CA ARG A 102 18.42 -18.47 10.49
CA ARG A 102 18.42 -18.48 10.50
C ARG A 102 17.23 -19.30 10.96
N ALA A 103 17.05 -20.48 10.37
CA ALA A 103 15.96 -21.37 10.82
C ALA A 103 16.15 -21.72 12.28
N GLU A 104 17.39 -22.00 12.68
CA GLU A 104 17.68 -22.37 14.05
C GLU A 104 17.36 -21.24 15.01
N PHE A 105 17.74 -20.02 14.63
CA PHE A 105 17.42 -18.85 15.44
C PHE A 105 15.91 -18.72 15.65
N ILE A 106 15.16 -18.84 14.56
CA ILE A 106 13.70 -18.66 14.61
C ILE A 106 13.08 -19.72 15.51
N VAL A 107 13.46 -20.98 15.32
CA VAL A 107 12.91 -22.05 16.12
C VAL A 107 13.19 -21.79 17.61
N GLU A 108 14.43 -21.39 17.93
CA GLU A 108 14.80 -21.11 19.31
C GLU A 108 13.98 -19.97 19.90
N ASN A 109 13.67 -18.99 19.07
CA ASN A 109 12.95 -17.81 19.52
C ASN A 109 11.51 -18.09 19.87
N ARG A 110 11.01 -19.27 19.52
CA ARG A 110 9.63 -19.59 19.83
C ARG A 110 9.38 -19.56 21.33
N LYS A 111 10.45 -19.65 22.10
CA LYS A 111 10.35 -19.50 23.56
C LYS A 111 9.73 -18.15 23.94
N LEU A 112 9.77 -17.18 23.04
CA LEU A 112 9.27 -15.82 23.31
C LEU A 112 7.79 -15.64 23.02
N LEU A 113 7.16 -16.62 22.38
CA LEU A 113 5.70 -16.54 22.17
C LEU A 113 5.04 -16.46 23.54
N GLY A 114 4.16 -15.48 23.70
CA GLY A 114 3.53 -15.21 24.98
C GLY A 114 4.08 -13.96 25.66
N LYS A 115 5.25 -13.51 25.21
CA LYS A 115 5.95 -12.40 25.84
C LYS A 115 6.01 -11.15 24.94
N LEU A 116 5.70 -11.30 23.65
CA LEU A 116 5.95 -10.22 22.69
C LEU A 116 5.00 -9.04 22.80
N LYS A 117 3.72 -9.26 23.10
CA LYS A 117 2.77 -8.15 23.21
C LYS A 117 3.21 -7.21 24.32
N ASN A 118 3.62 -7.78 25.46
CA ASN A 118 4.07 -6.95 26.55
C ASN A 118 5.37 -6.21 26.17
N LEU A 119 6.29 -6.88 25.47
CA LEU A 119 7.55 -6.24 25.08
C LEU A 119 7.28 -5.04 24.20
N VAL A 120 6.36 -5.20 23.25
CA VAL A 120 6.14 -4.15 22.27
C VAL A 120 5.48 -2.93 22.91
N LYS A 121 4.80 -3.15 24.04
CA LYS A 121 4.12 -2.07 24.75
C LYS A 121 4.98 -1.46 25.84
N GLY A 122 6.09 -2.13 26.17
CA GLY A 122 6.92 -1.71 27.27
C GLY A 122 7.84 -0.54 26.91
N ASP A 123 8.69 -0.13 27.84
CA ASP A 123 9.67 0.90 27.56
C ASP A 123 10.54 0.37 26.45
N PRO A 124 10.61 1.09 25.33
CA PRO A 124 11.32 0.52 24.19
C PRO A 124 12.80 0.32 24.41
N PHE A 125 13.43 1.11 25.28
CA PHE A 125 14.85 0.91 25.53
C PHE A 125 15.03 -0.37 26.31
N GLN A 126 14.13 -0.64 27.25
CA GLN A 126 14.25 -1.86 28.04
C GLN A 126 13.90 -3.08 27.18
N SER A 127 12.88 -2.95 26.34
CA SER A 127 12.51 -4.05 25.46
C SER A 127 13.62 -4.39 24.48
N ARG A 128 14.32 -3.38 23.99
CA ARG A 128 15.44 -3.65 23.08
C ARG A 128 16.54 -4.41 23.81
N GLU A 129 16.84 -4.01 25.05
CA GLU A 129 17.87 -4.70 25.84
C GLU A 129 17.49 -6.18 25.99
N PHE A 130 16.22 -6.43 26.26
CA PHE A 130 15.75 -7.79 26.42
C PHE A 130 15.95 -8.64 25.18
N LEU A 131 15.61 -8.08 24.03
CA LEU A 131 15.72 -8.81 22.79
C LEU A 131 17.16 -9.05 22.42
N VAL A 132 18.02 -8.06 22.63
CA VAL A 132 19.44 -8.27 22.38
C VAL A 132 19.97 -9.45 23.19
N ARG A 133 19.59 -9.52 24.45
CA ARG A 133 20.12 -10.59 25.29
C ARG A 133 19.48 -11.96 25.03
N ASN A 134 18.20 -11.96 24.66
CA ASN A 134 17.40 -13.17 24.72
C ASN A 134 16.91 -13.73 23.39
N ALA A 135 16.86 -12.90 22.36
CA ALA A 135 16.37 -13.37 21.07
C ALA A 135 17.54 -13.70 20.15
N LYS A 136 17.58 -14.93 19.66
CA LYS A 136 18.64 -15.37 18.75
C LYS A 136 18.56 -14.68 17.41
N GLY A 137 19.71 -14.34 16.86
CA GLY A 137 19.79 -13.65 15.59
C GLY A 137 19.34 -12.20 15.64
N ILE A 138 19.19 -11.68 16.85
CA ILE A 138 18.74 -10.31 17.05
C ILE A 138 19.74 -9.53 17.91
N GLY A 139 20.49 -8.64 17.30
CA GLY A 139 21.35 -7.72 18.03
C GLY A 139 20.73 -6.34 18.17
N TRP A 140 21.57 -5.34 18.45
CA TRP A 140 21.06 -4.00 18.70
C TRP A 140 20.27 -3.45 17.52
N LYS A 141 20.78 -3.65 16.31
CA LYS A 141 20.16 -3.11 15.12
C LYS A 141 18.84 -3.82 14.85
N GLU A 142 18.85 -5.14 14.93
CA GLU A 142 17.66 -5.91 14.59
C GLU A 142 16.56 -5.75 15.64
N ALA A 143 16.94 -5.58 16.90
CA ALA A 143 15.95 -5.34 17.96
C ALA A 143 15.29 -3.98 17.74
N SER A 144 16.09 -2.98 17.39
CA SER A 144 15.54 -1.67 17.05
C SER A 144 14.57 -1.75 15.89
N HIS A 145 14.96 -2.52 14.89
CA HIS A 145 14.18 -2.74 13.69
C HIS A 145 12.83 -3.37 14.00
N PHE A 146 12.85 -4.45 14.78
CA PHE A 146 11.62 -5.12 15.19
C PHE A 146 10.68 -4.12 15.91
N LEU A 147 11.21 -3.43 16.90
CA LEU A 147 10.37 -2.51 17.68
C LEU A 147 9.78 -1.41 16.80
N ARG A 148 10.59 -0.83 15.94
CA ARG A 148 10.11 0.19 15.02
C ARG A 148 8.99 -0.35 14.15
N ASN A 149 9.14 -1.60 13.67
CA ASN A 149 8.16 -2.22 12.79
C ASN A 149 6.84 -2.58 13.52
N THR A 150 6.80 -2.40 14.83
CA THR A 150 5.56 -2.55 15.58
C THR A 150 5.00 -1.19 16.01
N GLY A 151 5.61 -0.12 15.52
CA GLY A 151 5.12 1.23 15.73
C GLY A 151 5.97 2.11 16.64
N VAL A 152 7.05 1.57 17.21
CA VAL A 152 7.90 2.37 18.08
C VAL A 152 8.67 3.45 17.30
N GLU A 153 8.65 4.68 17.78
CA GLU A 153 9.29 5.76 17.05
C GLU A 153 10.61 6.26 17.64
N ASP A 154 10.92 5.79 18.86
CA ASP A 154 12.01 6.34 19.66
C ASP A 154 13.42 5.87 19.26
N LEU A 155 13.49 4.83 18.42
CA LEU A 155 14.76 4.11 18.21
C LEU A 155 15.28 4.23 16.79
N ALA A 156 16.61 4.35 16.65
CA ALA A 156 17.25 4.28 15.34
C ALA A 156 17.64 2.86 14.97
N ILE A 157 17.64 2.60 13.67
CA ILE A 157 18.10 1.33 13.12
C ILE A 157 19.43 1.59 12.41
N LEU A 158 20.51 1.29 13.10
CA LEU A 158 21.84 1.63 12.61
C LEU A 158 22.42 0.50 11.76
N ASP A 159 21.89 0.38 10.54
CA ASP A 159 22.40 -0.60 9.62
C ASP A 159 23.50 -0.01 8.76
N LYS A 160 24.05 -0.80 7.86
CA LYS A 160 25.22 -0.36 7.13
C LYS A 160 24.93 0.87 6.29
N HIS A 161 23.73 0.96 5.72
CA HIS A 161 23.37 2.09 4.85
C HIS A 161 23.33 3.37 5.67
N VAL A 162 22.70 3.30 6.83
CA VAL A 162 22.57 4.47 7.67
C VAL A 162 23.96 4.87 8.21
N LEU A 163 24.77 3.90 8.62
CA LEU A 163 26.09 4.22 9.16
C LEU A 163 26.98 4.85 8.10
N ARG A 164 26.88 4.38 6.86
CA ARG A 164 27.68 4.96 5.79
C ARG A 164 27.24 6.39 5.50
N LEU A 165 25.94 6.67 5.60
CA LEU A 165 25.45 8.05 5.44
C LEU A 165 25.99 8.94 6.55
N MET A 166 26.00 8.43 7.77
CA MET A 166 26.49 9.21 8.89
C MET A 166 27.96 9.49 8.76
N LYS A 167 28.74 8.52 8.28
CA LYS A 167 30.17 8.72 8.11
C LYS A 167 30.45 9.72 6.98
N ARG A 168 29.74 9.58 5.87
CA ARG A 168 29.94 10.43 4.70
C ARG A 168 29.64 11.89 5.02
N HIS A 169 28.77 12.13 6.01
CA HIS A 169 28.39 13.49 6.34
C HIS A 169 28.99 13.97 7.66
N GLY A 170 30.03 13.26 8.10
CA GLY A 170 30.84 13.70 9.22
C GLY A 170 30.22 13.51 10.59
N LEU A 171 29.13 12.75 10.69
CA LEU A 171 28.47 12.56 11.97
C LEU A 171 29.22 11.56 12.85
N ILE A 172 29.87 10.59 12.22
CA ILE A 172 30.71 9.65 12.92
C ILE A 172 32.00 9.54 12.14
N GLN A 173 33.05 9.08 12.80
CA GLN A 173 34.36 9.03 12.17
C GLN A 173 34.65 7.67 11.56
N GLU A 174 34.08 6.63 12.14
CA GLU A 174 34.28 5.27 11.67
C GLU A 174 32.99 4.46 11.76
N ILE A 175 32.85 3.49 10.88
CA ILE A 175 31.68 2.61 10.90
C ILE A 175 31.95 1.41 11.79
N PRO A 176 31.20 1.30 12.89
CA PRO A 176 31.32 0.16 13.80
C PRO A 176 30.96 -1.13 13.10
N LYS A 177 31.76 -2.18 13.30
CA LYS A 177 31.48 -3.48 12.73
C LYS A 177 30.87 -4.39 13.79
N GLY A 178 30.72 -3.86 15.00
CA GLY A 178 30.07 -4.57 16.08
C GLY A 178 29.55 -3.57 17.09
N TRP A 179 28.68 -3.99 18.01
CA TRP A 179 28.01 -3.06 18.91
C TRP A 179 28.09 -3.43 20.39
N SER A 180 27.96 -2.41 21.24
CA SER A 180 27.69 -2.58 22.66
C SER A 180 26.53 -1.66 22.98
N LYS A 181 25.96 -1.78 24.18
CA LYS A 181 24.88 -0.90 24.59
C LYS A 181 25.34 0.55 24.49
N LYS A 182 26.45 0.86 25.14
CA LYS A 182 26.90 2.24 25.20
C LYS A 182 27.20 2.80 23.80
N ARG A 183 27.81 2.03 22.91
CA ARG A 183 28.18 2.50 21.58
CA ARG A 183 28.17 2.55 21.60
CA ARG A 183 28.18 2.54 21.60
C ARG A 183 26.96 2.71 20.68
N TYR A 184 26.02 1.78 20.76
CA TYR A 184 24.82 1.91 19.95
C TYR A 184 24.02 3.12 20.44
N LEU A 185 23.89 3.28 21.74
CA LEU A 185 23.13 4.40 22.29
C LEU A 185 23.75 5.72 21.90
N TYR A 186 25.09 5.74 21.86
CA TYR A 186 25.83 6.95 21.50
C TYR A 186 25.60 7.35 20.05
N VAL A 187 25.75 6.41 19.12
CA VAL A 187 25.56 6.74 17.71
C VAL A 187 24.07 7.01 17.44
N GLU A 188 23.20 6.29 18.12
CA GLU A 188 21.77 6.54 18.00
C GLU A 188 21.41 7.96 18.42
N GLU A 189 22.04 8.46 19.48
CA GLU A 189 21.71 9.79 19.98
C GLU A 189 22.19 10.85 18.98
N ILE A 190 23.33 10.63 18.34
CA ILE A 190 23.78 11.51 17.27
C ILE A 190 22.73 11.61 16.16
N LEU A 191 22.22 10.47 15.72
CA LEU A 191 21.22 10.46 14.68
C LEU A 191 19.89 11.03 15.17
N ARG A 192 19.61 10.91 16.47
CA ARG A 192 18.36 11.45 17.00
C ARG A 192 18.37 12.95 16.85
N LYS A 193 19.50 13.57 17.10
CA LYS A 193 19.59 15.01 16.98
C LYS A 193 19.37 15.45 15.53
N VAL A 194 19.82 14.63 14.58
CA VAL A 194 19.60 14.94 13.16
C VAL A 194 18.12 14.81 12.83
N ALA A 195 17.49 13.74 13.33
CA ALA A 195 16.07 13.54 13.11
C ALA A 195 15.27 14.72 13.67
N GLU A 196 15.67 15.17 14.85
CA GLU A 196 15.00 16.29 15.50
C GLU A 196 15.15 17.57 14.68
N ALA A 197 16.34 17.77 14.11
CA ALA A 197 16.59 18.94 13.25
C ALA A 197 15.67 18.93 12.02
N PHE A 198 15.37 17.73 11.53
CA PHE A 198 14.50 17.55 10.39
C PHE A 198 13.02 17.64 10.79
N GLY A 199 12.73 17.42 12.07
CA GLY A 199 11.34 17.41 12.53
C GLY A 199 10.63 16.06 12.41
N GLU A 200 11.37 14.95 12.51
CA GLU A 200 10.76 13.62 12.53
C GLU A 200 11.30 12.78 13.67
N SER A 201 10.49 11.84 14.13
CA SER A 201 10.95 10.84 15.08
C SER A 201 12.01 9.94 14.43
N PRO A 202 12.91 9.38 15.23
CA PRO A 202 13.90 8.44 14.69
C PRO A 202 13.28 7.33 13.83
N GLY A 203 12.13 6.78 14.25
CA GLY A 203 11.55 5.65 13.56
C GLY A 203 11.09 6.00 12.16
N LYS A 204 10.49 7.19 12.00
CA LYS A 204 10.08 7.66 10.67
C LYS A 204 11.26 8.21 9.87
N PHE A 205 12.17 8.87 10.56
CA PHE A 205 13.34 9.45 9.92
C PHE A 205 14.09 8.37 9.16
N ASP A 206 14.20 7.19 9.77
CA ASP A 206 14.86 6.05 9.11
C ASP A 206 14.28 5.79 7.72
N LEU A 207 12.97 5.90 7.57
CA LEU A 207 12.34 5.64 6.27
C LEU A 207 12.65 6.74 5.27
N TYR A 208 12.76 7.97 5.72
CA TYR A 208 13.19 9.04 4.82
C TYR A 208 14.63 8.78 4.37
N LEU A 209 15.50 8.37 5.28
CA LEU A 209 16.89 8.07 4.95
C LEU A 209 16.97 6.98 3.89
N TRP A 210 16.14 5.96 4.03
CA TRP A 210 16.18 4.87 3.05
C TRP A 210 15.60 5.23 1.70
N TYR A 211 14.68 6.19 1.67
CA TYR A 211 14.12 6.68 0.42
C TYR A 211 15.21 7.24 -0.50
N LEU A 212 16.26 7.77 0.10
CA LEU A 212 17.34 8.37 -0.69
C LEU A 212 17.99 7.42 -1.68
N VAL A 213 18.01 6.12 -1.38
CA VAL A 213 18.75 5.16 -2.19
C VAL A 213 18.13 4.97 -3.57
N LYS A 214 16.89 4.48 -3.56
CA LYS A 214 16.22 4.08 -4.79
C LYS A 214 14.80 4.61 -4.86
N GLY A 215 14.40 5.43 -3.89
CA GLY A 215 13.08 5.99 -3.88
C GLY A 215 12.04 4.97 -3.48
N LYS A 216 12.41 4.07 -2.58
CA LYS A 216 11.47 3.08 -2.08
C LYS A 216 11.30 3.22 -0.58
N VAL A 217 10.13 2.80 -0.12
CA VAL A 217 9.85 2.68 1.29
C VAL A 217 9.38 1.26 1.52
N ASP A 218 10.29 0.45 2.03
CA ASP A 218 9.96 -0.93 2.35
C ASP A 218 9.73 -0.99 3.84
N LYS A 219 10.41 -1.90 4.52
CA LYS A 219 10.30 -1.96 5.97
C LYS A 219 11.53 -2.65 6.53
N HIS B 11 -41.91 -14.80 12.96
CA HIS B 11 -40.94 -15.19 14.01
C HIS B 11 -39.86 -16.13 13.47
N HIS B 12 -40.04 -16.59 12.24
CA HIS B 12 -39.04 -17.46 11.63
C HIS B 12 -38.36 -16.75 10.47
N MET B 13 -37.19 -17.25 10.12
CA MET B 13 -36.37 -16.62 9.11
C MET B 13 -37.02 -16.60 7.72
N GLU B 14 -37.73 -17.66 7.34
CA GLU B 14 -38.32 -17.67 6.01
C GLU B 14 -39.35 -16.56 5.87
N GLU B 15 -40.03 -16.24 6.96
CA GLU B 15 -40.99 -15.15 6.96
C GLU B 15 -40.30 -13.81 6.67
N LEU B 16 -39.11 -13.61 7.23
CA LEU B 16 -38.35 -12.40 6.95
C LEU B 16 -37.95 -12.35 5.49
N LEU B 17 -37.49 -13.48 4.96
CA LEU B 17 -37.04 -13.48 3.57
C LEU B 17 -38.21 -13.26 2.63
N LYS B 18 -39.35 -13.86 2.96
CA LYS B 18 -40.57 -13.69 2.17
C LYS B 18 -40.96 -12.21 2.11
N GLU B 19 -40.92 -11.53 3.25
CA GLU B 19 -41.28 -10.12 3.28
C GLU B 19 -40.28 -9.28 2.50
N LEU B 20 -39.00 -9.55 2.67
CA LEU B 20 -38.01 -8.80 1.90
C LEU B 20 -38.21 -9.03 0.41
N GLU B 21 -38.52 -10.27 0.02
CA GLU B 21 -38.67 -10.52 -1.40
C GLU B 21 -39.88 -9.81 -1.97
N ARG B 22 -40.91 -9.61 -1.16
CA ARG B 22 -42.09 -8.90 -1.64
C ARG B 22 -41.86 -7.42 -1.89
N ILE B 23 -40.88 -6.82 -1.21
CA ILE B 23 -40.58 -5.41 -1.45
C ILE B 23 -39.34 -5.17 -2.28
N ARG B 24 -38.66 -6.25 -2.67
CA ARG B 24 -37.35 -6.12 -3.29
C ARG B 24 -37.41 -5.29 -4.56
N GLU B 25 -38.36 -5.59 -5.43
CA GLU B 25 -38.44 -4.92 -6.73
C GLU B 25 -38.68 -3.43 -6.56
N GLU B 26 -39.58 -3.05 -5.65
CA GLU B 26 -39.90 -1.64 -5.53
C GLU B 26 -38.83 -0.87 -4.77
N ALA B 27 -38.12 -1.55 -3.86
CA ALA B 27 -37.09 -0.89 -3.09
C ALA B 27 -35.79 -0.80 -3.85
N LYS B 28 -35.53 -1.73 -4.76
CA LYS B 28 -34.21 -1.80 -5.40
C LYS B 28 -33.72 -0.48 -6.03
N PRO B 29 -34.56 0.26 -6.76
CA PRO B 29 -34.05 1.50 -7.36
C PRO B 29 -33.58 2.50 -6.30
N LEU B 30 -34.23 2.54 -5.15
CA LEU B 30 -33.83 3.45 -4.09
C LEU B 30 -32.56 2.99 -3.44
N VAL B 31 -32.42 1.68 -3.27
CA VAL B 31 -31.24 1.13 -2.61
C VAL B 31 -30.05 1.36 -3.53
N GLU B 32 -30.25 1.11 -4.82
CA GLU B 32 -29.16 1.25 -5.77
C GLU B 32 -28.74 2.71 -5.92
N GLN B 33 -29.71 3.62 -5.95
CA GLN B 33 -29.47 5.06 -6.03
C GLN B 33 -28.67 5.54 -4.82
N ARG B 34 -29.12 5.15 -3.64
CA ARG B 34 -28.41 5.53 -2.42
C ARG B 34 -27.00 4.95 -2.37
N PHE B 35 -26.85 3.69 -2.76
CA PHE B 35 -25.52 3.10 -2.68
C PHE B 35 -24.55 3.74 -3.67
N GLU B 36 -25.07 4.19 -4.82
CA GLU B 36 -24.25 4.87 -5.79
C GLU B 36 -23.68 6.12 -5.15
N GLU B 37 -24.49 6.78 -4.33
CA GLU B 37 -24.03 7.98 -3.62
C GLU B 37 -22.93 7.67 -2.60
N PHE B 38 -23.08 6.57 -1.89
CA PHE B 38 -22.06 6.12 -0.94
C PHE B 38 -20.75 5.84 -1.70
N LYS B 39 -20.86 5.14 -2.82
CA LYS B 39 -19.71 4.78 -3.63
C LYS B 39 -18.99 6.03 -4.11
N ARG B 40 -19.77 7.02 -4.55
CA ARG B 40 -19.20 8.28 -5.04
C ARG B 40 -18.47 9.05 -3.95
N LEU B 41 -19.01 9.04 -2.74
CA LEU B 41 -18.31 9.68 -1.63
C LEU B 41 -16.95 9.03 -1.41
N GLY B 42 -16.92 7.70 -1.40
CA GLY B 42 -15.68 6.97 -1.25
C GLY B 42 -14.72 7.24 -2.40
N GLU B 43 -15.26 7.36 -3.61
CA GLU B 43 -14.47 7.46 -4.84
C GLU B 43 -13.93 8.88 -5.03
N GLU B 44 -14.78 9.88 -4.80
CA GLU B 44 -14.49 11.24 -5.19
C GLU B 44 -14.35 12.19 -4.00
N GLY B 45 -14.78 11.75 -2.82
CA GLY B 45 -14.81 12.61 -1.65
C GLY B 45 -13.45 13.09 -1.22
N THR B 46 -13.39 14.36 -0.81
CA THR B 46 -12.18 14.91 -0.21
C THR B 46 -12.10 14.44 1.23
N GLU B 47 -10.97 14.67 1.89
CA GLU B 47 -10.85 14.33 3.30
C GLU B 47 -11.95 15.02 4.08
N GLU B 48 -12.26 16.25 3.72
CA GLU B 48 -13.29 17.03 4.41
CA GLU B 48 -13.28 16.96 4.48
C GLU B 48 -14.67 16.40 4.21
N ASP B 49 -14.95 15.95 2.99
CA ASP B 49 -16.24 15.33 2.69
C ASP B 49 -16.41 14.04 3.52
N LEU B 50 -15.34 13.26 3.59
CA LEU B 50 -15.35 12.04 4.39
C LEU B 50 -15.49 12.35 5.87
N PHE B 51 -14.88 13.45 6.31
CA PHE B 51 -14.95 13.82 7.73
C PHE B 51 -16.38 14.20 8.11
N CYS B 52 -17.08 14.81 7.16
CA CYS B 52 -18.46 15.19 7.42
CA CYS B 52 -18.48 15.19 7.36
C CYS B 52 -19.32 13.95 7.57
N GLU B 53 -19.04 12.91 6.80
CA GLU B 53 -19.76 11.66 6.94
C GLU B 53 -19.41 10.92 8.24
N LEU B 54 -18.13 10.95 8.63
CA LEU B 54 -17.75 10.42 9.93
C LEU B 54 -18.51 11.12 11.03
N SER B 55 -18.64 12.44 10.93
CA SER B 55 -19.35 13.21 11.94
C SER B 55 -20.85 12.86 11.99
N PHE B 56 -21.44 12.63 10.82
CA PHE B 56 -22.82 12.12 10.74
C PHE B 56 -22.94 10.85 11.58
N CYS B 57 -21.98 9.96 11.44
CA CYS B 57 -22.03 8.70 12.16
C CYS B 57 -21.84 8.87 13.67
N VAL B 58 -21.01 9.85 14.07
CA VAL B 58 -20.88 10.17 15.48
C VAL B 58 -22.24 10.62 16.02
N LEU B 59 -22.96 11.42 15.23
CA LEU B 59 -24.19 12.02 15.70
C LEU B 59 -25.35 11.06 15.75
N THR B 60 -25.37 10.09 14.86
CA THR B 60 -26.57 9.27 14.78
C THR B 60 -26.61 8.14 15.77
N ALA B 61 -25.47 7.87 16.41
CA ALA B 61 -25.31 6.69 17.28
C ALA B 61 -26.53 6.34 18.13
N ASN B 62 -27.07 7.31 18.84
CA ASN B 62 -28.22 7.08 19.73
C ASN B 62 -29.33 8.03 19.33
N TRP B 63 -29.47 8.28 18.03
CA TRP B 63 -30.34 9.35 17.58
C TRP B 63 -31.17 8.81 16.44
N SER B 64 -31.40 9.63 15.42
CA SER B 64 -32.14 9.19 14.23
C SER B 64 -31.38 9.63 13.01
N ALA B 65 -31.62 8.94 11.91
CA ALA B 65 -31.06 9.37 10.65
C ALA B 65 -31.59 10.76 10.29
N GLU B 66 -32.88 11.01 10.58
CA GLU B 66 -33.47 12.31 10.29
C GLU B 66 -32.70 13.45 10.95
N GLY B 67 -32.38 13.25 12.22
CA GLY B 67 -31.63 14.26 12.96
C GLY B 67 -30.24 14.43 12.39
N GLY B 68 -29.58 13.33 12.07
CA GLY B 68 -28.23 13.42 11.57
C GLY B 68 -28.19 14.12 10.22
N ILE B 69 -29.17 13.81 9.38
CA ILE B 69 -29.23 14.39 8.06
C ILE B 69 -29.44 15.89 8.17
N ARG B 70 -30.30 16.32 9.08
CA ARG B 70 -30.54 17.73 9.28
C ARG B 70 -29.29 18.43 9.79
N ALA B 71 -28.61 17.81 10.74
CA ALA B 71 -27.41 18.39 11.33
C ALA B 71 -26.36 18.56 10.25
N GLN B 72 -26.20 17.53 9.44
CA GLN B 72 -25.19 17.58 8.40
C GLN B 72 -25.50 18.71 7.42
N LYS B 73 -26.79 18.86 7.08
CA LYS B 73 -27.24 19.86 6.10
C LYS B 73 -26.94 21.23 6.64
N GLU B 74 -27.28 21.43 7.90
CA GLU B 74 -27.18 22.76 8.51
C GLU B 74 -25.74 23.18 8.89
N ILE B 75 -24.93 22.24 9.33
CA ILE B 75 -23.60 22.54 9.84
C ILE B 75 -22.54 22.50 8.75
N GLY B 76 -22.63 21.49 7.88
CA GLY B 76 -21.74 21.40 6.74
C GLY B 76 -20.28 21.40 7.12
N LYS B 77 -19.49 22.28 6.48
CA LYS B 77 -18.06 22.35 6.74
C LYS B 77 -17.77 22.83 8.17
N GLY B 78 -18.81 23.27 8.87
CA GLY B 78 -18.69 23.56 10.28
C GLY B 78 -18.15 22.39 11.10
N PHE B 79 -18.34 21.15 10.65
CA PHE B 79 -17.77 20.03 11.41
C PHE B 79 -16.25 20.12 11.43
N VAL B 80 -15.67 20.68 10.37
CA VAL B 80 -14.24 20.84 10.29
C VAL B 80 -13.74 22.09 11.01
N HIS B 81 -14.54 23.16 11.01
CA HIS B 81 -14.02 24.45 11.48
C HIS B 81 -14.64 25.08 12.70
N LEU B 82 -15.88 24.73 13.05
CA LEU B 82 -16.49 25.43 14.19
C LEU B 82 -15.70 25.18 15.47
N PRO B 83 -15.42 26.24 16.22
CA PRO B 83 -14.90 26.05 17.58
C PRO B 83 -15.84 25.15 18.39
N LEU B 84 -15.26 24.41 19.33
CA LEU B 84 -15.99 23.42 20.13
C LEU B 84 -17.34 23.91 20.63
N GLU B 85 -17.38 25.01 21.36
CA GLU B 85 -18.64 25.40 21.98
C GLU B 85 -19.67 25.92 20.98
N GLU B 86 -19.22 26.51 19.87
CA GLU B 86 -20.16 26.85 18.80
C GLU B 86 -20.73 25.58 18.13
N LEU B 87 -19.91 24.55 17.97
CA LEU B 87 -20.44 23.29 17.45
C LEU B 87 -21.44 22.69 18.43
N ALA B 88 -21.12 22.69 19.71
CA ALA B 88 -22.06 22.15 20.67
C ALA B 88 -23.39 22.89 20.65
N GLU B 89 -23.34 24.21 20.54
CA GLU B 89 -24.56 25.00 20.52
C GLU B 89 -25.38 24.67 19.29
N LYS B 90 -24.73 24.50 18.16
CA LYS B 90 -25.47 24.12 16.94
C LYS B 90 -26.12 22.74 17.08
N LEU B 91 -25.39 21.78 17.65
CA LEU B 91 -25.96 20.46 17.88
C LEU B 91 -27.11 20.52 18.85
N ARG B 92 -27.01 21.39 19.85
CA ARG B 92 -28.09 21.53 20.82
C ARG B 92 -29.33 22.08 20.11
N GLU B 93 -29.13 23.05 19.23
CA GLU B 93 -30.25 23.70 18.54
C GLU B 93 -30.95 22.75 17.58
N VAL B 94 -30.19 21.83 16.98
CA VAL B 94 -30.78 20.88 16.05
C VAL B 94 -31.40 19.67 16.76
N GLY B 95 -31.28 19.61 18.08
CA GLY B 95 -32.04 18.67 18.88
C GLY B 95 -31.28 17.46 19.43
N HIS B 96 -29.95 17.45 19.31
CA HIS B 96 -29.21 16.35 19.88
C HIS B 96 -29.27 16.35 21.42
N ARG B 97 -29.44 15.18 22.02
CA ARG B 97 -29.54 15.06 23.46
C ARG B 97 -28.18 15.19 24.19
N TYR B 98 -27.08 14.99 23.46
CA TYR B 98 -25.74 14.95 24.04
C TYR B 98 -24.79 15.85 23.25
N PRO B 99 -25.18 17.11 23.07
CA PRO B 99 -24.43 17.98 22.14
C PRO B 99 -23.01 18.27 22.56
N GLN B 100 -22.76 18.40 23.85
CA GLN B 100 -21.41 18.76 24.28
C GLN B 100 -20.45 17.61 24.01
N LYS B 101 -20.85 16.41 24.41
CA LYS B 101 -19.96 15.27 24.24
C LYS B 101 -19.76 14.94 22.77
N ARG B 102 -20.81 15.02 21.96
CA ARG B 102 -20.66 14.75 20.53
CA ARG B 102 -20.63 14.72 20.55
C ARG B 102 -19.77 15.79 19.87
N ALA B 103 -19.94 17.06 20.26
CA ALA B 103 -19.08 18.11 19.72
C ALA B 103 -17.60 17.82 20.07
N GLU B 104 -17.36 17.39 21.30
CA GLU B 104 -16.01 17.06 21.71
C GLU B 104 -15.42 15.94 20.84
N PHE B 105 -16.20 14.89 20.62
CA PHE B 105 -15.75 13.78 19.78
C PHE B 105 -15.37 14.30 18.39
N ILE B 106 -16.24 15.10 17.79
CA ILE B 106 -15.99 15.58 16.44
C ILE B 106 -14.74 16.45 16.36
N VAL B 107 -14.58 17.34 17.32
CA VAL B 107 -13.39 18.20 17.33
C VAL B 107 -12.12 17.35 17.48
N GLU B 108 -12.16 16.40 18.40
CA GLU B 108 -11.00 15.53 18.61
C GLU B 108 -10.67 14.76 17.32
N ASN B 109 -11.71 14.36 16.59
CA ASN B 109 -11.52 13.56 15.38
C ASN B 109 -10.91 14.31 14.22
N ARG B 110 -10.81 15.63 14.35
CA ARG B 110 -10.18 16.42 13.30
C ARG B 110 -8.74 15.98 13.10
N LYS B 111 -8.15 15.33 14.10
CA LYS B 111 -6.80 14.76 13.97
C LYS B 111 -6.73 13.76 12.83
N LEU B 112 -7.87 13.21 12.44
CA LEU B 112 -7.91 12.19 11.39
C LEU B 112 -7.98 12.75 9.98
N LEU B 113 -8.11 14.07 9.84
CA LEU B 113 -8.08 14.70 8.52
C LEU B 113 -6.73 14.43 7.91
N GLY B 114 -6.74 13.86 6.72
CA GLY B 114 -5.53 13.44 6.06
C GLY B 114 -5.39 11.93 6.04
N LYS B 115 -6.17 11.23 6.86
CA LYS B 115 -6.05 9.77 6.97
C LYS B 115 -7.28 9.04 6.45
N LEU B 116 -8.37 9.75 6.18
CA LEU B 116 -9.63 9.07 5.87
C LEU B 116 -9.71 8.48 4.47
N LYS B 117 -9.10 9.12 3.48
CA LYS B 117 -9.16 8.57 2.13
C LYS B 117 -8.51 7.21 2.09
N ASN B 118 -7.37 7.08 2.77
CA ASN B 118 -6.63 5.83 2.86
CA ASN B 118 -6.68 5.81 2.80
C ASN B 118 -7.44 4.78 3.62
N LEU B 119 -8.11 5.20 4.69
CA LEU B 119 -8.90 4.28 5.50
C LEU B 119 -10.05 3.68 4.71
N VAL B 120 -10.79 4.52 3.99
CA VAL B 120 -11.97 4.02 3.30
C VAL B 120 -11.58 3.09 2.15
N LYS B 121 -10.35 3.20 1.67
CA LYS B 121 -9.89 2.36 0.56
C LYS B 121 -9.22 1.07 1.04
N GLY B 122 -8.97 0.98 2.34
CA GLY B 122 -8.22 -0.12 2.89
C GLY B 122 -9.10 -1.34 3.10
N ASP B 123 -8.53 -2.39 3.70
CA ASP B 123 -9.30 -3.56 4.04
C ASP B 123 -10.34 -3.14 5.05
N PRO B 124 -11.63 -3.39 4.76
CA PRO B 124 -12.67 -2.80 5.61
C PRO B 124 -12.63 -3.33 7.05
N PHE B 125 -12.19 -4.55 7.26
CA PHE B 125 -12.15 -5.08 8.62
C PHE B 125 -11.06 -4.36 9.42
N GLN B 126 -9.94 -4.09 8.77
CA GLN B 126 -8.83 -3.43 9.45
C GLN B 126 -9.18 -1.95 9.68
N SER B 127 -9.84 -1.34 8.70
CA SER B 127 -10.24 0.06 8.84
C SER B 127 -11.24 0.21 9.97
N ARG B 128 -12.16 -0.74 10.11
CA ARG B 128 -13.10 -0.69 11.23
C ARG B 128 -12.36 -0.78 12.56
N GLU B 129 -11.40 -1.70 12.67
CA GLU B 129 -10.65 -1.85 13.92
C GLU B 129 -9.96 -0.53 14.25
N PHE B 130 -9.40 0.11 13.22
CA PHE B 130 -8.70 1.38 13.43
C PHE B 130 -9.66 2.44 13.98
N LEU B 131 -10.83 2.55 13.38
CA LEU B 131 -11.80 3.56 13.80
C LEU B 131 -12.30 3.29 15.21
N VAL B 132 -12.55 2.04 15.53
CA VAL B 132 -12.99 1.70 16.86
C VAL B 132 -11.95 2.16 17.86
N ARG B 133 -10.68 1.96 17.57
CA ARG B 133 -9.65 2.29 18.53
C ARG B 133 -9.41 3.79 18.60
N ASN B 134 -9.49 4.46 17.46
CA ASN B 134 -8.91 5.81 17.34
C ASN B 134 -9.87 6.97 17.05
N ALA B 135 -11.06 6.66 16.60
CA ALA B 135 -12.05 7.71 16.30
C ALA B 135 -13.02 7.85 17.46
N LYS B 136 -13.07 9.02 18.09
CA LYS B 136 -13.97 9.25 19.21
C LYS B 136 -15.43 9.20 18.79
N GLY B 137 -16.26 8.63 19.66
CA GLY B 137 -17.67 8.47 19.36
C GLY B 137 -18.00 7.42 18.30
N ILE B 138 -16.99 6.65 17.90
CA ILE B 138 -17.15 5.66 16.86
C ILE B 138 -16.78 4.29 17.42
N GLY B 139 -17.78 3.46 17.68
CA GLY B 139 -17.55 2.08 18.08
C GLY B 139 -17.78 1.14 16.91
N TRP B 140 -18.04 -0.13 17.22
CA TRP B 140 -18.13 -1.15 16.18
C TRP B 140 -19.25 -0.85 15.19
N LYS B 141 -20.41 -0.49 15.71
CA LYS B 141 -21.55 -0.19 14.85
C LYS B 141 -21.32 1.06 14.03
N GLU B 142 -20.81 2.12 14.65
CA GLU B 142 -20.70 3.39 13.95
C GLU B 142 -19.59 3.35 12.93
N ALA B 143 -18.55 2.58 13.21
CA ALA B 143 -17.45 2.42 12.26
C ALA B 143 -17.95 1.67 11.03
N SER B 144 -18.76 0.64 11.24
CA SER B 144 -19.38 -0.09 10.13
C SER B 144 -20.24 0.86 9.33
N HIS B 145 -20.99 1.69 10.02
CA HIS B 145 -21.91 2.63 9.37
C HIS B 145 -21.14 3.62 8.49
N PHE B 146 -20.06 4.18 9.02
CA PHE B 146 -19.24 5.10 8.24
C PHE B 146 -18.70 4.43 6.99
N LEU B 147 -18.12 3.26 7.16
CA LEU B 147 -17.50 2.60 6.01
C LEU B 147 -18.56 2.28 4.95
N ARG B 148 -19.70 1.77 5.36
CA ARG B 148 -20.79 1.46 4.43
C ARG B 148 -21.19 2.73 3.68
N ASN B 149 -21.28 3.84 4.38
CA ASN B 149 -21.71 5.10 3.78
C ASN B 149 -20.66 5.72 2.86
N THR B 150 -19.48 5.10 2.80
CA THR B 150 -18.47 5.46 1.80
C THR B 150 -18.30 4.41 0.72
N GLY B 151 -19.19 3.43 0.70
CA GLY B 151 -19.25 2.46 -0.40
C GLY B 151 -18.88 1.03 -0.05
N VAL B 152 -18.48 0.78 1.19
CA VAL B 152 -18.09 -0.57 1.60
C VAL B 152 -19.34 -1.45 1.70
N GLU B 153 -19.25 -2.63 1.09
CA GLU B 153 -20.36 -3.56 1.08
C GLU B 153 -20.24 -4.72 2.07
N ASP B 154 -19.05 -4.95 2.61
CA ASP B 154 -18.74 -6.16 3.40
C ASP B 154 -19.26 -6.23 4.82
N LEU B 155 -19.69 -5.11 5.38
CA LEU B 155 -19.95 -5.03 6.82
C LEU B 155 -21.41 -4.76 7.13
N ALA B 156 -21.87 -5.33 8.24
CA ALA B 156 -23.20 -5.07 8.77
C ALA B 156 -23.17 -3.94 9.78
N ILE B 157 -24.30 -3.25 9.87
CA ILE B 157 -24.47 -2.17 10.83
C ILE B 157 -25.48 -2.63 11.87
N LEU B 158 -24.97 -3.11 13.00
CA LEU B 158 -25.80 -3.81 13.97
C LEU B 158 -26.37 -2.85 14.99
N ASP B 159 -27.28 -2.02 14.53
CA ASP B 159 -27.93 -1.06 15.42
C ASP B 159 -29.13 -1.72 16.10
N LYS B 160 -29.77 -1.02 17.02
CA LYS B 160 -30.85 -1.64 17.79
C LYS B 160 -31.98 -2.14 16.91
N HIS B 161 -32.31 -1.41 15.84
CA HIS B 161 -33.38 -1.85 14.94
C HIS B 161 -33.05 -3.19 14.31
N VAL B 162 -31.84 -3.32 13.76
CA VAL B 162 -31.43 -4.56 13.15
C VAL B 162 -31.37 -5.68 14.18
N LEU B 163 -30.83 -5.41 15.36
CA LEU B 163 -30.71 -6.46 16.38
C LEU B 163 -32.07 -6.96 16.82
N ARG B 164 -33.04 -6.06 16.94
CA ARG B 164 -34.38 -6.45 17.35
C ARG B 164 -34.98 -7.33 16.29
N LEU B 165 -34.76 -6.95 15.03
CA LEU B 165 -35.24 -7.73 13.91
C LEU B 165 -34.62 -9.14 13.93
N MET B 166 -33.32 -9.22 14.19
CA MET B 166 -32.67 -10.52 14.28
C MET B 166 -33.26 -11.37 15.42
N LYS B 167 -33.45 -10.75 16.58
CA LYS B 167 -33.94 -11.51 17.74
C LYS B 167 -35.37 -12.00 17.51
N ARG B 168 -36.18 -11.13 16.93
CA ARG B 168 -37.57 -11.46 16.67
C ARG B 168 -37.71 -12.58 15.63
N HIS B 169 -36.67 -12.81 14.82
CA HIS B 169 -36.69 -13.91 13.84
C HIS B 169 -35.77 -15.06 14.22
N GLY B 170 -35.40 -15.11 15.49
CA GLY B 170 -34.70 -16.24 16.06
C GLY B 170 -33.25 -16.37 15.68
N LEU B 171 -32.69 -15.34 15.05
CA LEU B 171 -31.30 -15.36 14.62
C LEU B 171 -30.31 -15.19 15.79
N ILE B 172 -30.74 -14.47 16.82
CA ILE B 172 -29.97 -14.31 18.06
C ILE B 172 -30.95 -14.46 19.21
N GLN B 173 -30.45 -14.78 20.39
CA GLN B 173 -31.33 -15.05 21.52
C GLN B 173 -31.45 -13.86 22.47
N GLU B 174 -30.53 -12.92 22.33
CA GLU B 174 -30.50 -11.74 23.18
C GLU B 174 -30.00 -10.56 22.35
N ILE B 175 -30.37 -9.35 22.76
CA ILE B 175 -29.88 -8.14 22.12
C ILE B 175 -28.67 -7.60 22.90
N PRO B 176 -27.47 -7.67 22.28
CA PRO B 176 -26.28 -7.14 22.96
C PRO B 176 -26.44 -5.68 23.38
N LYS B 177 -26.03 -5.38 24.63
CA LYS B 177 -26.05 -4.03 25.18
C LYS B 177 -24.72 -3.34 24.95
N GLY B 178 -23.73 -4.11 24.51
CA GLY B 178 -22.42 -3.57 24.25
C GLY B 178 -21.64 -4.56 23.43
N TRP B 179 -20.46 -4.17 22.96
CA TRP B 179 -19.75 -4.97 22.00
C TRP B 179 -18.30 -5.23 22.37
N SER B 180 -17.78 -6.29 21.78
CA SER B 180 -16.37 -6.56 21.68
C SER B 180 -16.15 -6.97 20.24
N LYS B 181 -14.90 -7.03 19.81
CA LYS B 181 -14.61 -7.44 18.44
C LYS B 181 -15.24 -8.79 18.14
N LYS B 182 -14.98 -9.77 19.00
CA LYS B 182 -15.44 -11.13 18.75
C LYS B 182 -16.97 -11.16 18.65
N ARG B 183 -17.64 -10.44 19.53
CA ARG B 183 -19.08 -10.48 19.57
C ARG B 183 -19.68 -9.84 18.33
N TYR B 184 -19.13 -8.70 17.91
CA TYR B 184 -19.65 -8.02 16.74
C TYR B 184 -19.45 -8.87 15.50
N LEU B 185 -18.24 -9.40 15.34
CA LEU B 185 -17.95 -10.27 14.21
C LEU B 185 -18.91 -11.46 14.15
N TYR B 186 -19.21 -12.05 15.29
CA TYR B 186 -20.09 -13.21 15.36
C TYR B 186 -21.53 -12.87 14.93
N VAL B 187 -22.10 -11.82 15.48
CA VAL B 187 -23.46 -11.45 15.09
C VAL B 187 -23.50 -10.97 13.63
N GLU B 188 -22.44 -10.29 13.19
CA GLU B 188 -22.36 -9.83 11.82
C GLU B 188 -22.36 -11.02 10.86
N GLU B 189 -21.68 -12.08 11.25
CA GLU B 189 -21.57 -13.26 10.38
C GLU B 189 -22.93 -13.95 10.28
N ILE B 190 -23.68 -13.99 11.37
CA ILE B 190 -25.05 -14.51 11.31
C ILE B 190 -25.88 -13.73 10.28
N LEU B 191 -25.80 -12.40 10.31
CA LEU B 191 -26.59 -11.61 9.39
C LEU B 191 -26.05 -11.73 7.97
N ARG B 192 -24.75 -11.96 7.84
CA ARG B 192 -24.17 -12.11 6.51
C ARG B 192 -24.76 -13.31 5.79
N LYS B 193 -25.01 -14.37 6.53
CA LYS B 193 -25.62 -15.57 5.95
C LYS B 193 -27.06 -15.29 5.48
N VAL B 194 -27.78 -14.42 6.18
CA VAL B 194 -29.11 -14.04 5.73
C VAL B 194 -29.03 -13.19 4.47
N ALA B 195 -28.10 -12.24 4.45
CA ALA B 195 -27.89 -11.40 3.27
C ALA B 195 -27.55 -12.27 2.03
N GLU B 196 -26.70 -13.25 2.24
CA GLU B 196 -26.28 -14.16 1.17
C GLU B 196 -27.48 -14.96 0.62
N ALA B 197 -28.38 -15.38 1.51
CA ALA B 197 -29.58 -16.10 1.09
C ALA B 197 -30.51 -15.23 0.26
N PHE B 198 -30.55 -13.95 0.58
CA PHE B 198 -31.35 -12.99 -0.15
C PHE B 198 -30.66 -12.64 -1.47
N GLY B 199 -29.34 -12.68 -1.48
CA GLY B 199 -28.60 -12.32 -2.68
C GLY B 199 -28.12 -10.89 -2.72
N GLU B 200 -27.86 -10.30 -1.56
CA GLU B 200 -27.28 -8.94 -1.52
C GLU B 200 -26.11 -8.89 -0.57
N SER B 201 -25.17 -7.98 -0.84
CA SER B 201 -24.09 -7.71 0.11
C SER B 201 -24.62 -7.14 1.43
N PRO B 202 -23.87 -7.33 2.51
CA PRO B 202 -24.32 -6.79 3.81
C PRO B 202 -24.63 -5.30 3.76
N GLY B 203 -23.84 -4.53 3.02
CA GLY B 203 -24.03 -3.07 2.98
C GLY B 203 -25.36 -2.70 2.36
N LYS B 204 -25.70 -3.36 1.26
CA LYS B 204 -26.98 -3.13 0.62
C LYS B 204 -28.13 -3.79 1.35
N PHE B 205 -27.90 -4.97 1.91
CA PHE B 205 -28.95 -5.70 2.59
C PHE B 205 -29.51 -4.83 3.72
N ASP B 206 -28.61 -4.10 4.36
CA ASP B 206 -29.01 -3.20 5.44
C ASP B 206 -30.11 -2.23 5.01
N LEU B 207 -29.97 -1.68 3.80
CA LEU B 207 -30.96 -0.75 3.28
C LEU B 207 -32.29 -1.45 3.00
N TYR B 208 -32.26 -2.69 2.51
CA TYR B 208 -33.50 -3.45 2.35
C TYR B 208 -34.16 -3.68 3.69
N LEU B 209 -33.38 -4.03 4.71
CA LEU B 209 -33.94 -4.25 6.06
C LEU B 209 -34.62 -3.00 6.57
N TRP B 210 -33.98 -1.85 6.37
CA TRP B 210 -34.55 -0.60 6.86
C TRP B 210 -35.80 -0.16 6.06
N TYR B 211 -35.90 -0.59 4.80
CA TYR B 211 -37.08 -0.27 4.00
C TYR B 211 -38.32 -0.87 4.62
N LEU B 212 -38.15 -1.98 5.36
CA LEU B 212 -39.31 -2.65 5.94
C LEU B 212 -40.09 -1.78 6.89
N VAL B 213 -39.41 -0.89 7.62
CA VAL B 213 -40.05 -0.10 8.68
C VAL B 213 -41.08 0.91 8.15
N LYS B 214 -40.60 1.83 7.33
CA LYS B 214 -41.44 2.92 6.87
C LYS B 214 -41.41 3.11 5.35
N GLY B 215 -40.76 2.18 4.65
CA GLY B 215 -40.68 2.23 3.19
C GLY B 215 -39.72 3.31 2.71
N LYS B 216 -38.71 3.63 3.52
CA LYS B 216 -37.77 4.67 3.16
C LYS B 216 -36.38 4.10 3.06
N VAL B 217 -35.53 4.80 2.31
CA VAL B 217 -34.12 4.48 2.24
C VAL B 217 -33.37 5.78 2.55
N ASP B 218 -32.83 5.86 3.76
CA ASP B 218 -32.06 7.01 4.19
C ASP B 218 -30.61 6.60 4.15
N LYS B 219 -29.88 6.83 5.23
CA LYS B 219 -28.50 6.40 5.27
C LYS B 219 -28.04 6.26 6.70
N HIS C 12 -7.69 -20.70 -17.87
CA HIS C 12 -6.66 -21.43 -18.68
C HIS C 12 -6.12 -20.56 -19.81
N MET C 13 -4.98 -20.96 -20.33
CA MET C 13 -4.28 -20.22 -21.39
C MET C 13 -5.14 -20.13 -22.65
N GLU C 14 -6.02 -21.12 -22.86
CA GLU C 14 -6.83 -21.13 -24.07
C GLU C 14 -7.77 -19.93 -24.13
N GLU C 15 -8.36 -19.56 -22.99
CA GLU C 15 -9.23 -18.40 -22.94
C GLU C 15 -8.47 -17.13 -23.33
N LEU C 16 -7.22 -17.05 -22.90
CA LEU C 16 -6.41 -15.86 -23.17
C LEU C 16 -6.07 -15.78 -24.63
N LEU C 17 -5.63 -16.88 -25.23
CA LEU C 17 -5.30 -16.83 -26.65
C LEU C 17 -6.55 -16.62 -27.49
N LYS C 18 -7.70 -17.13 -27.04
CA LYS C 18 -8.95 -16.90 -27.75
C LYS C 18 -9.35 -15.42 -27.72
N GLU C 19 -9.23 -14.78 -26.56
CA GLU C 19 -9.56 -13.36 -26.51
C GLU C 19 -8.56 -12.53 -27.32
N LEU C 20 -7.28 -12.89 -27.29
CA LEU C 20 -6.31 -12.16 -28.09
C LEU C 20 -6.64 -12.34 -29.55
N GLU C 21 -7.04 -13.54 -29.93
CA GLU C 21 -7.35 -13.79 -31.33
C GLU C 21 -8.52 -12.90 -31.77
N ARG C 22 -9.48 -12.68 -30.87
CA ARG C 22 -10.65 -11.87 -31.22
C ARG C 22 -10.31 -10.42 -31.48
N ILE C 23 -9.26 -9.92 -30.83
CA ILE C 23 -8.89 -8.52 -31.03
C ILE C 23 -7.72 -8.35 -32.00
N ARG C 24 -7.18 -9.46 -32.50
CA ARG C 24 -5.97 -9.37 -33.32
C ARG C 24 -6.15 -8.49 -34.55
N GLU C 25 -7.24 -8.71 -35.28
CA GLU C 25 -7.41 -8.02 -36.53
C GLU C 25 -7.50 -6.52 -36.30
N GLU C 26 -8.27 -6.11 -35.30
CA GLU C 26 -8.48 -4.68 -35.07
C GLU C 26 -7.26 -3.99 -34.46
N ALA C 27 -6.49 -4.72 -33.66
CA ALA C 27 -5.34 -4.16 -32.99
C ALA C 27 -4.12 -4.12 -33.90
N LYS C 28 -4.06 -5.04 -34.85
CA LYS C 28 -2.85 -5.19 -35.65
C LYS C 28 -2.33 -3.89 -36.33
N PRO C 29 -3.22 -3.12 -36.99
CA PRO C 29 -2.66 -1.90 -37.60
C PRO C 29 -2.01 -0.92 -36.59
N LEU C 30 -2.60 -0.80 -35.40
CA LEU C 30 -2.03 0.03 -34.35
C LEU C 30 -0.70 -0.53 -33.83
N VAL C 31 -0.63 -1.84 -33.64
CA VAL C 31 0.60 -2.48 -33.19
C VAL C 31 1.69 -2.30 -34.23
N GLU C 32 1.35 -2.50 -35.50
CA GLU C 32 2.38 -2.41 -36.53
C GLU C 32 2.86 -0.97 -36.72
N GLN C 33 1.93 -0.03 -36.69
CA GLN C 33 2.29 1.39 -36.83
C GLN C 33 3.20 1.81 -35.66
N ARG C 34 2.85 1.39 -34.46
CA ARG C 34 3.64 1.76 -33.30
C ARG C 34 5.02 1.14 -33.38
N PHE C 35 5.08 -0.12 -33.80
CA PHE C 35 6.38 -0.77 -33.83
C PHE C 35 7.27 -0.14 -34.88
N GLU C 36 6.69 0.34 -35.97
CA GLU C 36 7.50 0.98 -36.98
C GLU C 36 8.10 2.27 -36.40
N GLU C 37 7.39 2.97 -35.50
CA GLU C 37 7.96 4.12 -34.81
C GLU C 37 9.15 3.71 -33.91
N PHE C 38 9.01 2.57 -33.22
CA PHE C 38 10.09 2.07 -32.39
C PHE C 38 11.31 1.75 -33.26
N LYS C 39 11.08 1.09 -34.39
CA LYS C 39 12.21 0.73 -35.25
C LYS C 39 12.92 1.98 -35.79
N ARG C 40 12.15 3.00 -36.15
CA ARG C 40 12.71 4.25 -36.63
C ARG C 40 13.58 4.90 -35.55
N LEU C 41 13.16 4.83 -34.29
CA LEU C 41 13.96 5.40 -33.21
C LEU C 41 15.32 4.69 -33.12
N GLY C 42 15.32 3.37 -33.10
CA GLY C 42 16.57 2.64 -33.04
C GLY C 42 17.43 2.85 -34.28
N GLU C 43 16.80 3.02 -35.45
CA GLU C 43 17.55 3.16 -36.70
C GLU C 43 18.12 4.56 -36.90
N GLU C 44 17.34 5.59 -36.58
CA GLU C 44 17.71 6.95 -36.94
C GLU C 44 17.99 7.81 -35.72
N GLY C 45 17.62 7.31 -34.55
CA GLY C 45 17.71 8.10 -33.33
C GLY C 45 19.14 8.49 -32.98
N THR C 46 19.29 9.74 -32.57
CA THR C 46 20.55 10.24 -32.06
C THR C 46 20.71 9.76 -30.62
N GLU C 47 21.89 9.94 -30.06
CA GLU C 47 22.09 9.66 -28.64
C GLU C 47 21.06 10.40 -27.79
N GLU C 48 20.74 11.65 -28.11
CA GLU C 48 19.77 12.39 -27.32
C GLU C 48 18.35 11.85 -27.48
N ASP C 49 17.99 11.45 -28.71
CA ASP C 49 16.68 10.86 -28.95
C ASP C 49 16.53 9.61 -28.09
N LEU C 50 17.58 8.80 -28.05
CA LEU C 50 17.56 7.56 -27.29
C LEU C 50 17.53 7.86 -25.79
N PHE C 51 18.23 8.91 -25.37
CA PHE C 51 18.24 9.28 -23.97
C PHE C 51 16.84 9.71 -23.51
N CYS C 52 16.11 10.39 -24.40
CA CYS C 52 14.76 10.79 -24.06
CA CYS C 52 14.74 10.80 -24.11
C CYS C 52 13.84 9.58 -23.89
N GLU C 53 14.02 8.56 -24.72
CA GLU C 53 13.26 7.32 -24.56
C GLU C 53 13.64 6.60 -23.26
N LEU C 54 14.93 6.61 -22.92
CA LEU C 54 15.36 6.02 -21.66
C LEU C 54 14.70 6.72 -20.48
N SER C 55 14.60 8.05 -20.58
CA SER C 55 14.00 8.84 -19.53
C SER C 55 12.49 8.56 -19.41
N PHE C 56 11.84 8.35 -20.53
CA PHE C 56 10.44 7.92 -20.54
C PHE C 56 10.31 6.63 -19.71
N CYS C 57 11.22 5.69 -19.91
CA CYS C 57 11.16 4.43 -19.19
C CYS C 57 11.43 4.61 -17.68
N VAL C 58 12.31 5.53 -17.31
CA VAL C 58 12.48 5.87 -15.90
C VAL C 58 11.16 6.40 -15.31
N LEU C 59 10.46 7.23 -16.06
CA LEU C 59 9.25 7.88 -15.56
C LEU C 59 8.05 6.93 -15.46
N THR C 60 8.00 5.90 -16.27
CA THR C 60 6.83 5.04 -16.29
C THR C 60 7.01 3.78 -15.45
N ALA C 61 8.07 3.73 -14.65
CA ALA C 61 8.39 2.55 -13.86
C ALA C 61 7.20 2.13 -13.05
N ASN C 62 6.54 3.08 -12.40
CA ASN C 62 5.30 2.81 -11.69
C ASN C 62 4.28 3.91 -11.94
N TRP C 63 4.10 4.22 -13.22
CA TRP C 63 3.23 5.30 -13.67
C TRP C 63 2.71 4.95 -15.05
N SER C 64 1.66 5.60 -15.46
CA SER C 64 0.99 5.25 -16.71
C SER C 64 1.80 5.65 -17.93
N ALA C 65 1.62 4.92 -19.00
CA ALA C 65 2.20 5.26 -20.28
C ALA C 65 1.76 6.64 -20.71
N GLU C 66 0.49 6.97 -20.50
CA GLU C 66 -0.03 8.29 -20.87
C GLU C 66 0.72 9.40 -20.13
N GLY C 67 1.03 9.19 -18.87
CA GLY C 67 1.75 10.18 -18.08
C GLY C 67 3.12 10.39 -18.66
N GLY C 68 3.79 9.29 -19.00
CA GLY C 68 5.14 9.38 -19.50
C GLY C 68 5.18 10.07 -20.84
N ILE C 69 4.18 9.79 -21.67
CA ILE C 69 4.10 10.36 -23.00
C ILE C 69 3.93 11.87 -22.88
N ARG C 70 3.08 12.30 -21.96
CA ARG C 70 2.89 13.74 -21.73
C ARG C 70 4.16 14.39 -21.22
N ALA C 71 4.85 13.72 -20.29
CA ALA C 71 6.07 14.26 -19.75
C ALA C 71 7.11 14.44 -20.84
N GLN C 72 7.24 13.44 -21.70
CA GLN C 72 8.22 13.49 -22.77
C GLN C 72 7.89 14.64 -23.71
N LYS C 73 6.61 14.86 -23.96
CA LYS C 73 6.18 15.91 -24.90
C LYS C 73 6.50 17.29 -24.34
N GLU C 74 6.24 17.47 -23.04
CA GLU C 74 6.40 18.75 -22.36
C GLU C 74 7.85 19.10 -22.10
N ILE C 75 8.66 18.08 -21.81
CA ILE C 75 10.03 18.30 -21.37
C ILE C 75 11.04 18.18 -22.52
N GLY C 76 10.83 17.21 -23.40
CA GLY C 76 11.68 17.09 -24.57
C GLY C 76 13.13 16.98 -24.21
N LYS C 77 13.97 17.78 -24.87
CA LYS C 77 15.39 17.68 -24.69
C LYS C 77 15.82 18.21 -23.32
N GLY C 78 14.86 18.73 -22.57
CA GLY C 78 15.08 19.07 -21.18
C GLY C 78 15.67 17.91 -20.36
N PHE C 79 15.34 16.68 -20.72
CA PHE C 79 15.93 15.53 -20.03
C PHE C 79 17.45 15.54 -20.16
N VAL C 80 17.95 16.04 -21.29
CA VAL C 80 19.37 16.06 -21.51
C VAL C 80 20.06 17.23 -20.80
N HIS C 81 19.44 18.41 -20.80
CA HIS C 81 20.21 19.61 -20.43
C HIS C 81 19.74 20.34 -19.18
N LEU C 82 18.52 20.12 -18.71
CA LEU C 82 18.08 20.91 -17.57
C LEU C 82 18.82 20.54 -16.29
N PRO C 83 19.09 21.54 -15.43
CA PRO C 83 19.64 21.23 -14.10
C PRO C 83 18.62 20.44 -13.28
N LEU C 84 19.12 19.70 -12.30
CA LEU C 84 18.29 18.84 -11.47
C LEU C 84 17.04 19.52 -10.93
N GLU C 85 17.20 20.70 -10.33
CA GLU C 85 16.07 21.37 -9.66
C GLU C 85 14.97 21.74 -10.67
N GLU C 86 15.37 22.24 -11.83
CA GLU C 86 14.41 22.61 -12.86
C GLU C 86 13.71 21.39 -13.44
N LEU C 87 14.45 20.29 -13.66
CA LEU C 87 13.85 19.07 -14.16
C LEU C 87 12.85 18.51 -13.14
N ALA C 88 13.20 18.52 -11.87
CA ALA C 88 12.29 18.01 -10.85
C ALA C 88 10.99 18.82 -10.86
N GLU C 89 11.12 20.13 -11.01
CA GLU C 89 9.93 20.98 -11.00
C GLU C 89 9.05 20.71 -12.23
N LYS C 90 9.66 20.43 -13.38
CA LYS C 90 8.88 20.09 -14.57
C LYS C 90 8.14 18.75 -14.37
N LEU C 91 8.80 17.80 -13.72
CA LEU C 91 8.17 16.52 -13.47
C LEU C 91 7.03 16.68 -12.49
N ARG C 92 7.18 17.58 -11.52
CA ARG C 92 6.12 17.84 -10.55
C ARG C 92 4.92 18.40 -11.29
N GLU C 93 5.20 19.31 -12.20
CA GLU C 93 4.15 20.00 -12.95
C GLU C 93 3.35 19.05 -13.83
N VAL C 94 4.01 18.06 -14.44
CA VAL C 94 3.30 17.11 -15.31
C VAL C 94 2.63 15.98 -14.52
N GLY C 95 2.81 16.01 -13.20
CA GLY C 95 2.03 15.15 -12.32
C GLY C 95 2.71 13.89 -11.84
N HIS C 96 4.03 13.79 -12.01
CA HIS C 96 4.71 12.62 -11.48
C HIS C 96 4.66 12.67 -9.95
N ARG C 97 4.41 11.52 -9.32
CA ARG C 97 4.32 11.46 -7.87
C ARG C 97 5.67 11.49 -7.15
N TYR C 98 6.74 11.18 -7.88
CA TYR C 98 8.09 11.12 -7.30
C TYR C 98 9.07 11.93 -8.13
N PRO C 99 8.79 13.21 -8.26
CA PRO C 99 9.57 14.02 -9.22
C PRO C 99 11.03 14.20 -8.88
N GLN C 100 11.36 14.39 -7.61
CA GLN C 100 12.75 14.61 -7.24
C GLN C 100 13.59 13.38 -7.51
N LYS C 101 13.10 12.22 -7.09
CA LYS C 101 13.88 11.02 -7.27
C LYS C 101 14.06 10.66 -8.75
N ARG C 102 12.99 10.80 -9.53
CA ARG C 102 13.08 10.50 -10.96
CA ARG C 102 13.10 10.46 -10.95
C ARG C 102 14.03 11.46 -11.65
N ALA C 103 13.95 12.72 -11.27
CA ALA C 103 14.85 13.71 -11.86
C ALA C 103 16.31 13.35 -11.56
N GLU C 104 16.58 12.93 -10.32
CA GLU C 104 17.93 12.53 -9.94
C GLU C 104 18.41 11.34 -10.79
N PHE C 105 17.52 10.37 -11.02
CA PHE C 105 17.89 9.22 -11.83
C PHE C 105 18.30 9.68 -13.23
N ILE C 106 17.47 10.53 -13.81
CA ILE C 106 17.69 10.98 -15.19
C ILE C 106 19.01 11.76 -15.29
N VAL C 107 19.26 12.67 -14.36
CA VAL C 107 20.50 13.44 -14.38
C VAL C 107 21.71 12.50 -14.27
N GLU C 108 21.65 11.54 -13.36
CA GLU C 108 22.74 10.58 -13.18
C GLU C 108 22.97 9.79 -14.47
N ASN C 109 21.89 9.49 -15.18
CA ASN C 109 21.98 8.68 -16.39
C ASN C 109 22.61 9.41 -17.56
N ARG C 110 22.80 10.72 -17.44
CA ARG C 110 23.47 11.45 -18.52
C ARG C 110 24.88 10.92 -18.78
N LYS C 111 25.43 10.19 -17.83
CA LYS C 111 26.72 9.55 -18.05
C LYS C 111 26.69 8.58 -19.24
N LEU C 112 25.49 8.14 -19.63
CA LEU C 112 25.34 7.16 -20.69
C LEU C 112 25.21 7.77 -22.08
N LEU C 113 25.11 9.09 -22.16
CA LEU C 113 25.13 9.74 -23.45
C LEU C 113 26.44 9.40 -24.15
N GLY C 114 26.35 8.84 -25.35
CA GLY C 114 27.53 8.39 -26.07
C GLY C 114 27.61 6.87 -26.14
N LYS C 115 26.86 6.20 -25.29
CA LYS C 115 26.89 4.74 -25.24
C LYS C 115 25.60 4.12 -25.76
N LEU C 116 24.56 4.92 -25.93
CA LEU C 116 23.24 4.34 -26.21
C LEU C 116 23.05 3.77 -27.61
N LYS C 117 23.62 4.41 -28.64
CA LYS C 117 23.46 3.90 -29.99
C LYS C 117 24.02 2.50 -30.10
N ASN C 118 25.17 2.27 -29.49
CA ASN C 118 25.78 0.94 -29.51
C ASN C 118 24.95 -0.04 -28.71
N LEU C 119 24.43 0.39 -27.58
CA LEU C 119 23.61 -0.49 -26.75
C LEU C 119 22.39 -0.97 -27.51
N VAL C 120 21.71 -0.10 -28.24
CA VAL C 120 20.47 -0.53 -28.87
C VAL C 120 20.76 -1.43 -30.08
N LYS C 121 22.00 -1.37 -30.58
CA LYS C 121 22.46 -2.23 -31.68
C LYS C 121 23.08 -3.56 -31.22
N GLY C 122 23.38 -3.67 -29.93
CA GLY C 122 24.07 -4.83 -29.41
C GLY C 122 23.14 -5.98 -29.14
N ASP C 123 23.68 -7.06 -28.59
CA ASP C 123 22.87 -8.21 -28.24
C ASP C 123 21.91 -7.72 -27.18
N PRO C 124 20.60 -7.88 -27.41
CA PRO C 124 19.68 -7.24 -26.47
C PRO C 124 19.75 -7.79 -25.07
N PHE C 125 20.07 -9.07 -24.90
CA PHE C 125 20.18 -9.62 -23.54
C PHE C 125 21.36 -8.98 -22.80
N GLN C 126 22.47 -8.77 -23.50
CA GLN C 126 23.63 -8.14 -22.89
C GLN C 126 23.37 -6.67 -22.61
N SER C 127 22.71 -6.00 -23.55
CA SER C 127 22.37 -4.59 -23.37
C SER C 127 21.43 -4.39 -22.19
N ARG C 128 20.48 -5.29 -22.03
CA ARG C 128 19.60 -5.22 -20.87
C ARG C 128 20.39 -5.37 -19.57
N GLU C 129 21.34 -6.31 -19.53
CA GLU C 129 22.16 -6.48 -18.33
C GLU C 129 22.91 -5.20 -18.00
N PHE C 130 23.41 -4.54 -19.03
CA PHE C 130 24.17 -3.32 -18.82
C PHE C 130 23.30 -2.22 -18.21
N LEU C 131 22.08 -2.09 -18.71
CA LEU C 131 21.19 -1.05 -18.25
C LEU C 131 20.72 -1.34 -16.83
N VAL C 132 20.44 -2.59 -16.54
CA VAL C 132 20.04 -2.94 -15.19
C VAL C 132 21.13 -2.54 -14.20
N ARG C 133 22.39 -2.80 -14.55
CA ARG C 133 23.46 -2.49 -13.62
C ARG C 133 23.81 -1.01 -13.55
N ASN C 134 23.68 -0.31 -14.67
CA ASN C 134 24.29 1.02 -14.78
C ASN C 134 23.36 2.20 -14.95
N ALA C 135 22.12 1.96 -15.39
CA ALA C 135 21.16 3.06 -15.54
C ALA C 135 20.29 3.16 -14.29
N LYS C 136 20.29 4.31 -13.65
CA LYS C 136 19.49 4.53 -12.46
C LYS C 136 18.00 4.58 -12.81
N GLY C 137 17.18 4.04 -11.93
CA GLY C 137 15.74 3.96 -12.13
C GLY C 137 15.33 2.99 -13.22
N ILE C 138 16.28 2.17 -13.68
CA ILE C 138 16.03 1.18 -14.72
C ILE C 138 16.37 -0.22 -14.24
N GLY C 139 15.36 -1.04 -13.98
CA GLY C 139 15.56 -2.44 -13.63
C GLY C 139 15.26 -3.35 -14.81
N TRP C 140 15.04 -4.63 -14.53
CA TRP C 140 14.82 -5.61 -15.58
C TRP C 140 13.67 -5.23 -16.50
N LYS C 141 12.57 -4.80 -15.92
CA LYS C 141 11.40 -4.46 -16.72
C LYS C 141 11.61 -3.21 -17.56
N GLU C 142 12.15 -2.17 -16.92
CA GLU C 142 12.32 -0.90 -17.58
C GLU C 142 13.38 -0.98 -18.68
N ALA C 143 14.40 -1.81 -18.47
CA ALA C 143 15.43 -1.98 -19.48
C ALA C 143 14.85 -2.71 -20.69
N SER C 144 14.05 -3.73 -20.44
CA SER C 144 13.34 -4.41 -21.51
C SER C 144 12.45 -3.45 -22.29
N HIS C 145 11.77 -2.59 -21.55
CA HIS C 145 10.86 -1.61 -22.12
C HIS C 145 11.61 -0.62 -23.04
N PHE C 146 12.74 -0.12 -22.56
CA PHE C 146 13.54 0.80 -23.34
C PHE C 146 13.98 0.13 -24.64
N LEU C 147 14.51 -1.08 -24.52
CA LEU C 147 15.02 -1.75 -25.72
C LEU C 147 13.90 -2.01 -26.73
N ARG C 148 12.75 -2.50 -26.25
CA ARG C 148 11.58 -2.73 -27.09
C ARG C 148 11.19 -1.44 -27.82
N ASN C 149 11.21 -0.33 -27.09
CA ASN C 149 10.78 0.94 -27.66
C ASN C 149 11.78 1.53 -28.67
N THR C 150 12.95 0.88 -28.81
CA THR C 150 13.89 1.20 -29.88
C THR C 150 13.92 0.15 -30.99
N GLY C 151 12.95 -0.77 -30.95
CA GLY C 151 12.72 -1.71 -32.04
C GLY C 151 13.09 -3.14 -31.74
N VAL C 152 13.60 -3.40 -30.53
CA VAL C 152 13.96 -4.77 -30.17
C VAL C 152 12.72 -5.63 -29.98
N GLU C 153 12.73 -6.82 -30.58
CA GLU C 153 11.54 -7.67 -30.53
C GLU C 153 11.65 -8.86 -29.58
N ASP C 154 12.86 -9.15 -29.12
CA ASP C 154 13.19 -10.39 -28.42
C ASP C 154 12.78 -10.47 -26.96
N LEU C 155 12.45 -9.33 -26.36
CA LEU C 155 12.30 -9.23 -24.90
C LEU C 155 10.87 -8.97 -24.46
N ALA C 156 10.51 -9.53 -23.30
CA ALA C 156 9.23 -9.24 -22.69
C ALA C 156 9.37 -8.11 -21.69
N ILE C 157 8.26 -7.39 -21.52
CA ILE C 157 8.18 -6.34 -20.51
C ILE C 157 7.23 -6.81 -19.41
N LEU C 158 7.81 -7.31 -18.33
CA LEU C 158 7.02 -8.01 -17.33
C LEU C 158 6.54 -7.04 -16.26
N ASP C 159 5.61 -6.18 -16.64
CA ASP C 159 5.04 -5.23 -15.69
C ASP C 159 3.85 -5.83 -14.95
N LYS C 160 3.26 -5.06 -14.05
CA LYS C 160 2.21 -5.58 -13.17
C LYS C 160 1.04 -6.14 -13.96
N HIS C 161 0.63 -5.44 -15.01
CA HIS C 161 -0.50 -5.90 -15.84
C HIS C 161 -0.21 -7.26 -16.48
N VAL C 162 0.99 -7.40 -17.04
CA VAL C 162 1.34 -8.62 -17.73
C VAL C 162 1.49 -9.77 -16.74
N LEU C 163 2.09 -9.51 -15.58
CA LEU C 163 2.26 -10.55 -14.57
C LEU C 163 0.92 -11.01 -14.02
N ARG C 164 -0.02 -10.09 -13.88
CA ARG C 164 -1.35 -10.42 -13.38
C ARG C 164 -2.08 -11.29 -14.38
N LEU C 165 -1.91 -10.95 -15.65
CA LEU C 165 -2.49 -11.72 -16.75
C LEU C 165 -1.92 -13.15 -16.71
N MET C 166 -0.62 -13.25 -16.51
CA MET C 166 0.05 -14.56 -16.47
C MET C 166 -0.43 -15.40 -15.28
N LYS C 167 -0.59 -14.76 -14.13
CA LYS C 167 -1.02 -15.49 -12.93
C LYS C 167 -2.47 -15.95 -13.07
N ARG C 168 -3.31 -15.08 -13.62
CA ARG C 168 -4.73 -15.37 -13.77
C ARG C 168 -4.96 -16.52 -14.75
N HIS C 169 -4.01 -16.75 -15.65
CA HIS C 169 -4.16 -17.82 -16.63
C HIS C 169 -3.24 -19.00 -16.35
N GLY C 170 -2.71 -19.07 -15.13
CA GLY C 170 -1.97 -20.23 -14.67
C GLY C 170 -0.55 -20.39 -15.19
N LEU C 171 0.01 -19.34 -15.79
CA LEU C 171 1.35 -19.43 -16.36
C LEU C 171 2.43 -19.30 -15.29
N ILE C 172 2.12 -18.57 -14.23
CA ILE C 172 3.00 -18.49 -13.07
C ILE C 172 2.11 -18.65 -11.84
N GLN C 173 2.71 -19.11 -10.74
CA GLN C 173 1.95 -19.35 -9.51
C GLN C 173 1.91 -18.11 -8.62
N GLU C 174 2.90 -17.24 -8.72
CA GLU C 174 2.90 -16.02 -7.93
C GLU C 174 3.51 -14.84 -8.68
N ILE C 175 3.14 -13.62 -8.26
CA ILE C 175 3.65 -12.40 -8.86
C ILE C 175 5.00 -12.03 -8.27
N PRO C 176 6.06 -12.01 -9.10
CA PRO C 176 7.33 -11.55 -8.53
C PRO C 176 7.26 -10.10 -8.09
N LYS C 177 7.73 -9.78 -6.89
CA LYS C 177 7.70 -8.40 -6.40
C LYS C 177 9.08 -7.77 -6.45
N GLY C 178 10.06 -8.58 -6.85
CA GLY C 178 11.41 -8.11 -7.08
C GLY C 178 12.03 -9.06 -8.09
N TRP C 179 13.08 -8.62 -8.77
CA TRP C 179 13.64 -9.41 -9.84
C TRP C 179 15.10 -9.74 -9.67
N SER C 180 15.49 -10.81 -10.32
CA SER C 180 16.89 -11.19 -10.49
C SER C 180 16.99 -11.59 -11.94
N LYS C 181 18.21 -11.74 -12.45
CA LYS C 181 18.42 -12.15 -13.83
C LYS C 181 17.73 -13.47 -14.05
N LYS C 182 17.98 -14.43 -13.16
CA LYS C 182 17.44 -15.78 -13.32
C LYS C 182 15.91 -15.74 -13.39
N ARG C 183 15.29 -15.02 -12.46
CA ARG C 183 13.83 -15.04 -12.38
C ARG C 183 13.18 -14.31 -13.55
N TYR C 184 13.76 -13.20 -13.98
CA TYR C 184 13.19 -12.46 -15.08
C TYR C 184 13.27 -13.29 -16.36
N LEU C 185 14.42 -13.91 -16.59
CA LEU C 185 14.63 -14.71 -17.78
C LEU C 185 13.63 -15.88 -17.79
N TYR C 186 13.39 -16.44 -16.62
CA TYR C 186 12.50 -17.59 -16.51
C TYR C 186 11.06 -17.23 -16.85
N VAL C 187 10.55 -16.15 -16.28
CA VAL C 187 9.18 -15.74 -16.54
C VAL C 187 9.04 -15.23 -17.99
N GLU C 188 10.06 -14.52 -18.47
CA GLU C 188 10.09 -14.08 -19.86
C GLU C 188 10.00 -15.26 -20.85
N GLU C 189 10.70 -16.36 -20.57
CA GLU C 189 10.68 -17.52 -21.45
C GLU C 189 9.30 -18.18 -21.47
N ILE C 190 8.64 -18.19 -20.32
CA ILE C 190 7.29 -18.72 -20.25
C ILE C 190 6.41 -17.93 -21.22
N LEU C 191 6.51 -16.59 -21.16
CA LEU C 191 5.68 -15.75 -22.00
C LEU C 191 6.10 -15.80 -23.47
N ARG C 192 7.38 -16.09 -23.74
CA ARG C 192 7.82 -16.24 -25.11
C ARG C 192 7.12 -17.41 -25.77
N LYS C 193 7.00 -18.52 -25.06
CA LYS C 193 6.37 -19.70 -25.63
C LYS C 193 4.92 -19.40 -26.02
N VAL C 194 4.26 -18.57 -25.23
CA VAL C 194 2.88 -18.16 -25.53
C VAL C 194 2.84 -17.29 -26.78
N ALA C 195 3.72 -16.31 -26.84
CA ALA C 195 3.81 -15.42 -28.00
C ALA C 195 4.06 -16.24 -29.27
N GLU C 196 4.92 -17.24 -29.17
CA GLU C 196 5.26 -18.05 -30.32
C GLU C 196 4.04 -18.80 -30.87
N ALA C 197 3.19 -19.33 -30.00
CA ALA C 197 1.96 -20.02 -30.43
C ALA C 197 0.99 -19.04 -31.11
N PHE C 198 1.03 -17.80 -30.68
CA PHE C 198 0.16 -16.78 -31.24
C PHE C 198 0.73 -16.23 -32.54
N GLY C 199 2.04 -16.36 -32.73
CA GLY C 199 2.68 -15.92 -33.95
C GLY C 199 3.18 -14.49 -33.88
N GLU C 200 3.54 -14.01 -32.69
CA GLU C 200 4.10 -12.66 -32.57
C GLU C 200 5.38 -12.69 -31.77
N SER C 201 6.31 -11.82 -32.13
CA SER C 201 7.50 -11.62 -31.29
C SER C 201 7.11 -11.10 -29.91
N PRO C 202 7.94 -11.34 -28.91
CA PRO C 202 7.62 -10.82 -27.58
C PRO C 202 7.36 -9.32 -27.55
N GLY C 203 8.11 -8.56 -28.32
CA GLY C 203 7.97 -7.11 -28.31
C GLY C 203 6.63 -6.64 -28.83
N LYS C 204 6.12 -7.31 -29.87
CA LYS C 204 4.81 -6.99 -30.42
C LYS C 204 3.70 -7.62 -29.60
N PHE C 205 3.94 -8.82 -29.08
CA PHE C 205 2.93 -9.53 -28.31
C PHE C 205 2.54 -8.67 -27.12
N ASP C 206 3.52 -7.98 -26.55
CA ASP C 206 3.26 -7.09 -25.43
C ASP C 206 2.19 -6.06 -25.76
N LEU C 207 2.21 -5.54 -26.97
CA LEU C 207 1.23 -4.54 -27.35
C LEU C 207 -0.17 -5.15 -27.52
N TYR C 208 -0.24 -6.37 -28.03
CA TYR C 208 -1.53 -7.05 -28.08
C TYR C 208 -2.09 -7.26 -26.68
N LEU C 209 -1.23 -7.66 -25.76
CA LEU C 209 -1.65 -7.87 -24.37
C LEU C 209 -2.21 -6.58 -23.78
N TRP C 210 -1.55 -5.47 -24.07
CA TRP C 210 -1.99 -4.21 -23.50
C TRP C 210 -3.29 -3.70 -24.15
N TYR C 211 -3.54 -4.10 -25.40
CA TYR C 211 -4.75 -3.68 -26.09
C TYR C 211 -5.98 -4.23 -25.37
N LEU C 212 -5.82 -5.34 -24.65
CA LEU C 212 -6.93 -5.91 -23.91
C LEU C 212 -7.53 -4.99 -22.85
N VAL C 213 -6.75 -4.05 -22.30
CA VAL C 213 -7.22 -3.30 -21.15
C VAL C 213 -8.25 -2.24 -21.58
N LYS C 214 -7.83 -1.34 -22.45
CA LYS C 214 -8.69 -0.22 -22.85
C LYS C 214 -8.71 -0.02 -24.35
N GLY C 215 -8.19 -0.99 -25.10
CA GLY C 215 -8.20 -0.90 -26.55
C GLY C 215 -7.25 0.15 -27.08
N LYS C 216 -6.17 0.38 -26.37
CA LYS C 216 -5.17 1.36 -26.76
C LYS C 216 -3.85 0.68 -27.05
N VAL C 217 -3.08 1.31 -27.93
CA VAL C 217 -1.70 0.93 -28.15
C VAL C 217 -0.88 2.19 -27.90
N ASP C 218 -0.28 2.24 -26.72
CA ASP C 218 0.56 3.37 -26.36
C ASP C 218 1.99 2.95 -26.58
N LYS C 219 2.85 3.10 -25.60
CA LYS C 219 4.20 2.57 -25.71
C LYS C 219 4.75 2.34 -24.31
#